data_9DWN
#
_entry.id   9DWN
#
_cell.length_a   1.00
_cell.length_b   1.00
_cell.length_c   1.00
_cell.angle_alpha   90.00
_cell.angle_beta   90.00
_cell.angle_gamma   90.00
#
_symmetry.space_group_name_H-M   'P 1'
#
loop_
_entity.id
_entity.type
_entity.pdbx_description
1 polymer 'Potassium channel subfamily K member 13'
2 non-polymer 2-acetamido-2-deoxy-beta-D-glucopyranose
3 non-polymer 'POTASSIUM ION'
4 water water
#
_entity_poly.entity_id   1
_entity_poly.type   'polypeptide(L)'
_entity_poly.pdbx_seq_one_letter_code
;MAGRGFSWGPGHLNEDNARFLLLAALIVLYLLGGAAVFSALELAHERQAKQRWEERLANFSRGHNLSRDELRGFLRHYEE
ATRAGIRVDNVRPRWDFTGAFYFVGTVVSTIGFGMTTPATVGGKIFLIFYGLVGCSSTILFFNLFLERLITIIAYIMKSC
HQRQLRRRGALPQESLKDAGQCEVDSLAGWKPSVYYVMLILCTASILISCCASAMYTPIEGWSYFDSLYFCFVAFSTIGF
GDLVSSQNAHYESQGLYRFANFVFILMGVCCIYSLFNVISILIKQSLNWILRKMDSGCCPQCQRGLLRS
;
_entity_poly.pdbx_strand_id   A,B
#
loop_
_chem_comp.id
_chem_comp.type
_chem_comp.name
_chem_comp.formula
K non-polymer 'POTASSIUM ION' 'K 1'
NAG D-saccharide, beta linking 2-acetamido-2-deoxy-beta-D-glucopyranose 'C8 H15 N O6'
#
# COMPACT_ATOMS: atom_id res chain seq x y z
N ASN A 14 2.23 -31.76 -8.40
CA ASN A 14 1.48 -30.99 -9.37
C ASN A 14 0.23 -30.40 -8.75
N GLU A 15 -0.02 -30.71 -7.48
CA GLU A 15 -1.17 -30.15 -6.78
C GLU A 15 -0.93 -28.70 -6.40
N ASP A 16 0.30 -28.35 -6.07
CA ASP A 16 0.62 -26.97 -5.73
C ASP A 16 0.61 -26.07 -6.96
N ASN A 17 1.12 -26.58 -8.09
CA ASN A 17 1.05 -25.82 -9.33
C ASN A 17 -0.39 -25.63 -9.78
N ALA A 18 -1.22 -26.66 -9.63
CA ALA A 18 -2.63 -26.54 -9.96
C ALA A 18 -3.32 -25.52 -9.07
N ARG A 19 -2.99 -25.51 -7.79
CA ARG A 19 -3.57 -24.52 -6.88
C ARG A 19 -3.11 -23.10 -7.25
N PHE A 20 -1.84 -22.95 -7.62
CA PHE A 20 -1.34 -21.64 -8.03
C PHE A 20 -2.04 -21.14 -9.28
N LEU A 21 -2.21 -22.02 -10.28
CA LEU A 21 -2.88 -21.63 -11.52
C LEU A 21 -4.35 -21.33 -11.27
N LEU A 22 -5.01 -22.12 -10.42
CA LEU A 22 -6.41 -21.87 -10.08
C LEU A 22 -6.58 -20.54 -9.36
N LEU A 23 -5.67 -20.23 -8.43
CA LEU A 23 -5.75 -18.94 -7.76
C LEU A 23 -5.49 -17.79 -8.71
N ALA A 24 -4.53 -17.95 -9.64
CA ALA A 24 -4.27 -16.90 -10.61
C ALA A 24 -5.49 -16.66 -11.51
N ALA A 25 -6.14 -17.74 -11.96
CA ALA A 25 -7.32 -17.59 -12.79
C ALA A 25 -8.47 -16.96 -12.00
N LEU A 26 -8.65 -17.37 -10.74
CA LEU A 26 -9.71 -16.79 -9.92
C LEU A 26 -9.45 -15.32 -9.66
N ILE A 27 -8.20 -14.94 -9.43
CA ILE A 27 -7.86 -13.54 -9.20
C ILE A 27 -8.07 -12.72 -10.47
N VAL A 28 -7.74 -13.28 -11.63
CA VAL A 28 -7.96 -12.58 -12.89
C VAL A 28 -9.46 -12.36 -13.13
N LEU A 29 -10.26 -13.39 -12.89
CA LEU A 29 -11.72 -13.26 -13.03
C LEU A 29 -12.28 -12.26 -12.02
N TYR A 30 -11.75 -12.28 -10.80
CA TYR A 30 -12.14 -11.31 -9.77
C TYR A 30 -11.80 -9.89 -10.19
N LEU A 31 -10.61 -9.70 -10.79
CA LEU A 31 -10.22 -8.38 -11.29
C LEU A 31 -11.16 -7.91 -12.38
N LEU A 32 -11.50 -8.79 -13.32
CA LEU A 32 -12.40 -8.42 -14.41
C LEU A 32 -13.79 -8.05 -13.87
N GLY A 33 -14.32 -8.87 -12.95
CA GLY A 33 -15.62 -8.58 -12.39
C GLY A 33 -15.65 -7.30 -11.58
N GLY A 34 -14.61 -7.07 -10.78
CA GLY A 34 -14.53 -5.85 -10.01
C GLY A 34 -14.38 -4.62 -10.87
N ALA A 35 -13.61 -4.72 -11.96
CA ALA A 35 -13.48 -3.63 -12.90
C ALA A 35 -14.83 -3.31 -13.55
N ALA A 36 -15.57 -4.33 -13.96
CA ALA A 36 -16.87 -4.11 -14.57
C ALA A 36 -17.84 -3.47 -13.58
N VAL A 37 -17.86 -3.96 -12.33
CA VAL A 37 -18.77 -3.42 -11.33
C VAL A 37 -18.42 -1.98 -10.98
N PHE A 38 -17.13 -1.68 -10.80
CA PHE A 38 -16.71 -0.33 -10.48
C PHE A 38 -17.00 0.63 -11.62
N SER A 39 -16.77 0.20 -12.87
CA SER A 39 -17.11 1.04 -14.01
C SER A 39 -18.60 1.32 -14.05
N ALA A 40 -19.43 0.30 -13.89
CA ALA A 40 -20.87 0.50 -13.89
C ALA A 40 -21.32 1.38 -12.73
N LEU A 41 -20.61 1.33 -11.60
CA LEU A 41 -20.99 2.13 -10.45
C LEU A 41 -20.61 3.59 -10.59
N GLU A 42 -19.45 3.89 -11.18
CA GLU A 42 -18.92 5.24 -11.08
C GLU A 42 -18.52 5.90 -12.39
N LEU A 43 -18.85 5.32 -13.55
CA LEU A 43 -18.61 6.03 -14.80
C LEU A 43 -19.48 7.27 -14.90
N ALA A 44 -20.72 7.18 -14.43
CA ALA A 44 -21.61 8.34 -14.44
C ALA A 44 -21.09 9.44 -13.52
N HIS A 45 -20.61 9.07 -12.33
CA HIS A 45 -20.07 10.06 -11.41
C HIS A 45 -18.80 10.71 -11.98
N GLU A 46 -17.95 9.90 -12.61
CA GLU A 46 -16.75 10.43 -13.25
C GLU A 46 -17.09 11.41 -14.36
N ARG A 47 -18.05 11.05 -15.22
CA ARG A 47 -18.45 11.94 -16.31
C ARG A 47 -19.07 13.23 -15.77
N GLN A 48 -19.92 13.11 -14.74
CA GLN A 48 -20.55 14.30 -14.16
C GLN A 48 -19.53 15.22 -13.52
N ALA A 49 -18.54 14.65 -12.82
CA ALA A 49 -17.52 15.48 -12.18
C ALA A 49 -16.64 16.18 -13.22
N LYS A 50 -16.27 15.46 -14.30
CA LYS A 50 -15.50 16.10 -15.36
C LYS A 50 -16.30 17.20 -16.05
N GLN A 51 -17.61 16.97 -16.26
CA GLN A 51 -18.45 18.01 -16.86
C GLN A 51 -18.58 19.22 -15.95
N ARG A 52 -18.72 19.00 -14.64
CA ARG A 52 -18.78 20.12 -13.70
C ARG A 52 -17.49 20.90 -13.69
N TRP A 53 -16.35 20.21 -13.75
CA TRP A 53 -15.06 20.91 -13.81
C TRP A 53 -14.95 21.72 -15.10
N GLU A 54 -15.40 21.16 -16.22
CA GLU A 54 -15.35 21.89 -17.49
C GLU A 54 -16.22 23.13 -17.44
N GLU A 55 -17.41 23.02 -16.83
CA GLU A 55 -18.29 24.18 -16.68
C GLU A 55 -17.65 25.24 -15.79
N ARG A 56 -17.03 24.81 -14.69
CA ARG A 56 -16.37 25.76 -13.78
C ARG A 56 -15.21 26.47 -14.47
N LEU A 57 -14.41 25.72 -15.23
CA LEU A 57 -13.29 26.32 -15.95
C LEU A 57 -13.79 27.29 -17.02
N ALA A 58 -14.88 26.95 -17.71
CA ALA A 58 -15.44 27.85 -18.71
C ALA A 58 -15.94 29.13 -18.07
N ASN A 59 -16.63 29.03 -16.93
CA ASN A 59 -17.10 30.24 -16.25
C ASN A 59 -15.93 31.07 -15.74
N PHE A 60 -14.88 30.43 -15.23
CA PHE A 60 -13.71 31.17 -14.76
C PHE A 60 -13.01 31.90 -15.90
N SER A 61 -12.89 31.24 -17.06
CA SER A 61 -12.26 31.89 -18.20
C SER A 61 -13.13 33.02 -18.75
N ARG A 62 -14.45 32.84 -18.74
CA ARG A 62 -15.34 33.84 -19.33
C ARG A 62 -15.46 35.07 -18.43
N GLY A 63 -15.60 34.87 -17.12
CA GLY A 63 -15.85 35.99 -16.22
C GLY A 63 -14.67 36.93 -16.09
N HIS A 64 -13.46 36.39 -16.01
CA HIS A 64 -12.26 37.17 -15.76
C HIS A 64 -11.42 37.41 -17.01
N ASN A 65 -11.92 37.03 -18.18
CA ASN A 65 -11.21 37.19 -19.46
C ASN A 65 -9.83 36.53 -19.41
N LEU A 66 -9.83 35.22 -19.22
CA LEU A 66 -8.61 34.43 -19.10
C LEU A 66 -8.54 33.44 -20.23
N SER A 67 -7.40 33.39 -20.92
CA SER A 67 -7.19 32.42 -21.97
C SER A 67 -7.05 31.01 -21.39
N ARG A 68 -7.32 30.01 -22.23
CA ARG A 68 -7.19 28.63 -21.79
C ARG A 68 -5.72 28.23 -21.61
N ASP A 69 -4.82 28.81 -22.40
CA ASP A 69 -3.41 28.45 -22.30
C ASP A 69 -2.80 28.94 -20.99
N GLU A 70 -3.09 30.18 -20.60
CA GLU A 70 -2.53 30.70 -19.34
C GLU A 70 -3.16 30.02 -18.13
N LEU A 71 -4.45 29.68 -18.21
CA LEU A 71 -5.08 28.90 -17.15
C LEU A 71 -4.46 27.51 -17.05
N ARG A 72 -4.15 26.90 -18.20
CA ARG A 72 -3.50 25.60 -18.21
C ARG A 72 -2.10 25.68 -17.59
N GLY A 73 -1.36 26.75 -17.90
CA GLY A 73 -0.06 26.93 -17.29
C GLY A 73 -0.14 27.13 -15.79
N PHE A 74 -1.13 27.91 -15.34
CA PHE A 74 -1.34 28.11 -13.91
C PHE A 74 -1.70 26.80 -13.22
N LEU A 75 -2.51 25.97 -13.89
CA LEU A 75 -2.86 24.67 -13.32
C LEU A 75 -1.67 23.72 -13.31
N ARG A 76 -0.77 23.83 -14.30
CA ARG A 76 0.48 23.07 -14.25
C ARG A 76 1.33 23.49 -13.06
N HIS A 77 1.43 24.80 -12.83
CA HIS A 77 2.18 25.29 -11.67
C HIS A 77 1.54 24.82 -10.37
N TYR A 78 0.22 24.84 -10.30
CA TYR A 78 -0.45 24.38 -9.08
C TYR A 78 -0.31 22.87 -8.89
N GLU A 79 -0.28 22.10 -9.98
CA GLU A 79 -0.03 20.67 -9.85
C GLU A 79 1.37 20.41 -9.33
N GLU A 80 2.36 21.14 -9.83
CA GLU A 80 3.71 21.02 -9.32
C GLU A 80 3.78 21.42 -7.85
N ALA A 81 2.99 22.42 -7.45
CA ALA A 81 2.93 22.83 -6.04
C ALA A 81 2.27 21.76 -5.18
N THR A 82 1.18 21.16 -5.66
CA THR A 82 0.47 20.13 -4.92
C THR A 82 1.35 18.89 -4.73
N ARG A 83 2.14 18.55 -5.75
CA ARG A 83 3.11 17.47 -5.60
C ARG A 83 4.18 17.80 -4.56
N ALA A 84 4.36 19.08 -4.22
CA ALA A 84 5.30 19.51 -3.20
C ALA A 84 4.68 19.61 -1.81
N GLY A 85 3.38 19.29 -1.68
CA GLY A 85 2.74 19.20 -0.39
C GLY A 85 1.85 20.38 -0.02
N ILE A 86 2.00 21.52 -0.68
CA ILE A 86 1.16 22.68 -0.37
C ILE A 86 -0.20 22.50 -1.03
N ARG A 87 -1.25 22.87 -0.30
CA ARG A 87 -2.63 22.71 -0.75
C ARG A 87 -3.36 24.03 -0.56
N VAL A 88 -4.67 24.00 -0.80
CA VAL A 88 -5.48 25.21 -0.70
C VAL A 88 -5.73 25.60 0.75
N ASP A 89 -6.17 24.64 1.55
CA ASP A 89 -6.78 24.95 2.86
C ASP A 89 -5.90 24.40 4.00
N ASN A 90 -4.91 25.21 4.38
CA ASN A 90 -4.20 25.13 5.66
C ASN A 90 -3.77 23.71 6.02
N VAL A 91 -2.95 23.12 5.15
CA VAL A 91 -2.38 21.82 5.41
C VAL A 91 -1.05 22.01 6.14
N ARG A 92 -0.72 21.06 7.01
CA ARG A 92 0.50 21.16 7.81
C ARG A 92 1.73 21.16 6.92
N PRO A 93 2.82 21.79 7.35
CA PRO A 93 4.07 21.70 6.58
C PRO A 93 4.65 20.30 6.66
N ARG A 94 4.93 19.72 5.49
CA ARG A 94 5.56 18.42 5.44
C ARG A 94 7.02 18.53 5.86
N TRP A 95 7.68 17.38 5.93
CA TRP A 95 9.14 17.26 6.09
C TRP A 95 9.68 17.96 7.33
N ASP A 96 8.81 18.29 8.28
CA ASP A 96 9.28 18.52 9.65
C ASP A 96 9.33 17.17 10.35
N PHE A 97 9.80 17.16 11.60
CA PHE A 97 9.96 15.87 12.28
C PHE A 97 8.61 15.19 12.52
N THR A 98 7.56 15.96 12.78
CA THR A 98 6.25 15.37 12.98
C THR A 98 5.66 14.89 11.66
N GLY A 99 5.76 15.70 10.60
CA GLY A 99 5.25 15.29 9.31
C GLY A 99 6.04 14.16 8.69
N ALA A 100 7.37 14.22 8.80
CA ALA A 100 8.19 13.12 8.27
C ALA A 100 7.97 11.84 9.05
N PHE A 101 7.60 11.93 10.33
CA PHE A 101 7.26 10.72 11.09
C PHE A 101 6.02 10.04 10.51
N TYR A 102 5.00 10.83 10.16
CA TYR A 102 3.79 10.26 9.57
C TYR A 102 4.09 9.72 8.17
N PHE A 103 4.94 10.42 7.40
CA PHE A 103 5.33 9.91 6.10
C PHE A 103 6.09 8.59 6.21
N VAL A 104 7.00 8.50 7.17
CA VAL A 104 7.74 7.26 7.42
C VAL A 104 6.79 6.16 7.89
N GLY A 105 5.79 6.51 8.70
CA GLY A 105 4.81 5.51 9.10
C GLY A 105 4.02 4.98 7.92
N THR A 106 3.71 5.83 6.94
CA THR A 106 3.03 5.35 5.75
C THR A 106 3.95 4.60 4.81
N VAL A 107 5.25 4.89 4.83
CA VAL A 107 6.19 4.16 3.98
C VAL A 107 6.43 2.76 4.54
N VAL A 108 6.84 2.69 5.80
CA VAL A 108 7.28 1.44 6.42
C VAL A 108 6.13 0.46 6.57
N SER A 109 4.92 0.95 6.83
CA SER A 109 3.73 0.11 6.88
C SER A 109 3.12 -0.12 5.50
N THR A 110 3.78 0.35 4.44
CA THR A 110 3.35 0.19 3.04
C THR A 110 1.95 0.76 2.82
N ILE A 111 1.62 1.84 3.52
CA ILE A 111 0.35 2.53 3.28
C ILE A 111 0.54 3.50 2.13
N GLY A 112 1.56 4.36 2.24
CA GLY A 112 1.95 5.25 1.16
C GLY A 112 0.84 6.13 0.61
N PHE A 113 0.35 7.07 1.42
CA PHE A 113 -0.79 7.88 1.01
C PHE A 113 -0.48 8.77 -0.19
N GLY A 114 0.78 9.14 -0.37
CA GLY A 114 1.13 10.12 -1.38
C GLY A 114 0.95 11.56 -0.94
N MET A 115 0.46 11.77 0.28
CA MET A 115 0.45 13.09 0.89
C MET A 115 1.83 13.72 0.93
N THR A 116 2.87 12.89 1.06
CA THR A 116 4.23 13.35 1.27
C THR A 116 5.12 12.48 0.41
N THR A 117 5.70 13.06 -0.65
CA THR A 117 6.54 12.30 -1.55
C THR A 117 7.87 13.02 -1.72
N PRO A 118 8.98 12.28 -1.71
CA PRO A 118 10.28 12.92 -1.91
C PRO A 118 10.43 13.47 -3.32
N ALA A 119 11.16 14.58 -3.42
CA ALA A 119 11.51 15.17 -4.69
C ALA A 119 13.00 15.17 -4.98
N THR A 120 13.84 15.13 -3.96
CA THR A 120 15.28 15.08 -4.17
C THR A 120 15.70 13.70 -4.65
N VAL A 121 16.86 13.66 -5.33
CA VAL A 121 17.41 12.40 -5.81
C VAL A 121 17.83 11.53 -4.62
N GLY A 122 18.52 12.13 -3.65
CA GLY A 122 18.95 11.39 -2.47
C GLY A 122 17.78 10.91 -1.63
N GLY A 123 16.71 11.70 -1.56
CA GLY A 123 15.54 11.28 -0.80
C GLY A 123 14.90 10.02 -1.33
N LYS A 124 14.85 9.88 -2.67
CA LYS A 124 14.24 8.70 -3.25
C LYS A 124 15.14 7.46 -3.12
N ILE A 125 16.45 7.64 -3.21
CA ILE A 125 17.38 6.54 -2.99
C ILE A 125 17.27 6.04 -1.55
N PHE A 126 17.25 7.00 -0.60
CA PHE A 126 17.09 6.61 0.79
C PHE A 126 15.71 5.99 1.03
N LEU A 127 14.68 6.43 0.31
CA LEU A 127 13.39 5.79 0.43
C LEU A 127 13.44 4.36 -0.07
N ILE A 128 14.19 4.11 -1.14
CA ILE A 128 14.31 2.74 -1.66
C ILE A 128 14.95 1.83 -0.62
N PHE A 129 16.09 2.26 -0.07
CA PHE A 129 16.76 1.44 0.94
C PHE A 129 15.93 1.33 2.22
N TYR A 130 15.34 2.44 2.65
CA TYR A 130 14.54 2.50 3.86
C TYR A 130 13.31 1.61 3.75
N GLY A 131 12.65 1.63 2.60
CA GLY A 131 11.53 0.72 2.39
C GLY A 131 11.99 -0.73 2.38
N LEU A 132 13.09 -1.01 1.68
CA LEU A 132 13.60 -2.38 1.58
C LEU A 132 13.88 -2.98 2.96
N VAL A 133 14.31 -2.16 3.91
CA VAL A 133 14.52 -2.68 5.26
C VAL A 133 13.24 -2.63 6.10
N GLY A 134 12.65 -1.44 6.20
CA GLY A 134 11.55 -1.22 7.14
C GLY A 134 10.28 -1.95 6.78
N CYS A 135 9.91 -1.98 5.48
CA CYS A 135 8.69 -2.67 5.09
C CYS A 135 8.78 -4.15 5.40
N SER A 136 9.95 -4.75 5.17
CA SER A 136 10.16 -6.14 5.55
C SER A 136 10.09 -6.33 7.06
N SER A 137 10.72 -5.42 7.82
CA SER A 137 10.68 -5.55 9.28
C SER A 137 9.25 -5.39 9.81
N THR A 138 8.42 -4.59 9.14
CA THR A 138 7.06 -4.38 9.60
C THR A 138 6.11 -5.47 9.11
N ILE A 139 6.41 -6.11 7.97
CA ILE A 139 5.73 -7.36 7.62
C ILE A 139 6.01 -8.41 8.67
N LEU A 140 7.27 -8.48 9.12
CA LEU A 140 7.60 -9.35 10.25
C LEU A 140 6.85 -8.95 11.51
N PHE A 141 6.73 -7.64 11.75
CA PHE A 141 6.00 -7.15 12.92
C PHE A 141 4.53 -7.58 12.87
N PHE A 142 3.90 -7.51 11.70
CA PHE A 142 2.50 -7.91 11.58
C PHE A 142 2.35 -9.42 11.74
N ASN A 143 3.30 -10.20 11.20
CA ASN A 143 3.26 -11.65 11.42
C ASN A 143 3.42 -11.98 12.89
N LEU A 144 4.35 -11.30 13.57
CA LEU A 144 4.53 -11.51 15.01
C LEU A 144 3.30 -11.09 15.79
N PHE A 145 2.65 -10.00 15.39
CA PHE A 145 1.42 -9.58 16.05
C PHE A 145 0.32 -10.61 15.87
N LEU A 146 0.21 -11.19 14.68
CA LEU A 146 -0.76 -12.25 14.45
C LEU A 146 -0.46 -13.47 15.32
N GLU A 147 0.81 -13.84 15.43
CA GLU A 147 1.19 -14.96 16.29
C GLU A 147 0.89 -14.67 17.75
N ARG A 148 1.16 -13.45 18.20
CA ARG A 148 0.86 -13.08 19.59
C ARG A 148 -0.64 -13.04 19.84
N LEU A 149 -1.43 -12.64 18.83
CA LEU A 149 -2.88 -12.67 18.98
C LEU A 149 -3.38 -14.11 19.08
N ILE A 150 -2.79 -15.02 18.30
CA ILE A 150 -3.11 -16.44 18.41
C ILE A 150 -2.80 -16.95 19.81
N THR A 151 -1.61 -16.59 20.33
CA THR A 151 -1.21 -17.03 21.65
C THR A 151 -2.11 -16.45 22.73
N ILE A 152 -2.50 -15.18 22.59
CA ILE A 152 -3.36 -14.53 23.57
C ILE A 152 -4.74 -15.17 23.58
N ILE A 153 -5.29 -15.45 22.40
CA ILE A 153 -6.60 -16.11 22.32
C ILE A 153 -6.53 -17.51 22.92
N ALA A 154 -5.45 -18.24 22.63
CA ALA A 154 -5.29 -19.57 23.20
C ALA A 154 -5.18 -19.52 24.72
N TYR A 155 -4.41 -18.55 25.24
CA TYR A 155 -4.27 -18.40 26.68
C TYR A 155 -5.60 -18.04 27.34
N ILE A 156 -6.38 -17.15 26.70
CA ILE A 156 -7.68 -16.78 27.24
C ILE A 156 -8.61 -17.99 27.26
N MET A 157 -8.62 -18.77 26.18
CA MET A 157 -9.47 -19.96 26.13
C MET A 157 -9.07 -20.99 27.19
N LYS A 158 -7.77 -21.24 27.34
CA LYS A 158 -7.35 -22.22 28.33
C LYS A 158 -7.56 -21.72 29.75
N SER A 159 -7.44 -20.41 29.99
CA SER A 159 -7.73 -19.87 31.31
C SER A 159 -9.21 -19.96 31.64
N CYS A 160 -10.07 -19.70 30.64
CA CYS A 160 -11.51 -19.87 30.84
C CYS A 160 -11.86 -21.33 31.11
N HIS A 161 -11.22 -22.26 30.40
CA HIS A 161 -11.46 -23.67 30.65
C HIS A 161 -11.00 -24.08 32.05
N GLN A 162 -9.84 -23.57 32.48
CA GLN A 162 -9.35 -23.86 33.82
C GLN A 162 -10.28 -23.28 34.89
N ARG A 163 -10.78 -22.06 34.67
CA ARG A 163 -11.73 -21.47 35.61
C ARG A 163 -13.04 -22.26 35.66
N GLN A 164 -13.50 -22.73 34.51
CA GLN A 164 -14.71 -23.55 34.48
C GLN A 164 -14.51 -24.87 35.22
N LEU A 165 -13.33 -25.49 35.04
CA LEU A 165 -13.03 -26.73 35.76
C LEU A 165 -12.94 -26.48 37.26
N ARG A 166 -12.31 -25.37 37.66
CA ARG A 166 -12.19 -25.06 39.09
C ARG A 166 -13.55 -24.73 39.69
N ARG A 167 -14.40 -24.02 38.96
CA ARG A 167 -15.72 -23.67 39.46
C ARG A 167 -16.59 -24.92 39.66
N ARG A 168 -16.49 -25.88 38.73
CA ARG A 168 -17.26 -27.11 38.86
C ARG A 168 -16.78 -27.93 40.06
N GLY A 169 -15.47 -27.99 40.27
CA GLY A 169 -14.95 -28.72 41.42
C GLY A 169 -15.30 -28.05 42.74
N ALA A 170 -15.23 -26.72 42.79
CA ALA A 170 -15.52 -25.92 43.98
C ALA A 170 -14.71 -26.35 45.20
N ASP A 185 7.06 -25.46 30.07
CA ASP A 185 7.18 -25.98 28.71
C ASP A 185 6.51 -25.06 27.70
N SER A 186 6.38 -25.53 26.47
CA SER A 186 5.71 -24.75 25.43
C SER A 186 4.23 -24.54 25.75
N LEU A 187 3.56 -25.59 26.23
CA LEU A 187 2.14 -25.60 26.59
C LEU A 187 1.34 -25.20 25.34
N ALA A 188 0.33 -24.34 25.49
CA ALA A 188 -0.50 -23.86 24.37
C ALA A 188 -1.12 -25.01 23.59
N GLY A 189 -1.60 -26.03 24.32
CA GLY A 189 -2.23 -27.17 23.67
C GLY A 189 -3.53 -26.80 22.98
N TRP A 190 -4.36 -26.00 23.63
CA TRP A 190 -5.58 -25.52 23.00
C TRP A 190 -5.23 -24.43 21.99
N LYS A 191 -5.75 -24.59 20.77
CA LYS A 191 -5.51 -23.62 19.71
C LYS A 191 -6.83 -23.19 19.09
N PRO A 192 -7.00 -21.89 18.82
CA PRO A 192 -8.25 -21.44 18.21
C PRO A 192 -8.31 -21.83 16.75
N SER A 193 -9.51 -22.22 16.31
CA SER A 193 -9.72 -22.53 14.90
C SER A 193 -9.61 -21.25 14.06
N VAL A 194 -9.28 -21.44 12.78
CA VAL A 194 -9.06 -20.30 11.89
C VAL A 194 -10.33 -19.48 11.72
N TYR A 195 -11.50 -20.13 11.77
CA TYR A 195 -12.77 -19.40 11.73
C TYR A 195 -12.93 -18.52 12.97
N TYR A 196 -12.55 -19.04 14.14
CA TYR A 196 -12.64 -18.26 15.37
C TYR A 196 -11.71 -17.05 15.31
N VAL A 197 -10.49 -17.24 14.78
CA VAL A 197 -9.56 -16.13 14.65
C VAL A 197 -10.07 -15.11 13.63
N MET A 198 -10.70 -15.59 12.56
CA MET A 198 -11.32 -14.66 11.61
C MET A 198 -12.41 -13.83 12.27
N LEU A 199 -13.26 -14.47 13.07
CA LEU A 199 -14.33 -13.74 13.75
C LEU A 199 -13.76 -12.73 14.74
N ILE A 200 -12.74 -13.13 15.50
CA ILE A 200 -12.14 -12.23 16.49
C ILE A 200 -11.48 -11.05 15.80
N LEU A 201 -10.73 -11.30 14.72
CA LEU A 201 -10.05 -10.23 14.01
C LEU A 201 -11.05 -9.30 13.32
N CYS A 202 -12.12 -9.85 12.77
CA CYS A 202 -13.15 -9.02 12.15
C CYS A 202 -13.83 -8.12 13.17
N THR A 203 -14.19 -8.69 14.33
CA THR A 203 -14.80 -7.88 15.38
C THR A 203 -13.85 -6.81 15.90
N ALA A 204 -12.58 -7.17 16.09
CA ALA A 204 -11.60 -6.19 16.57
C ALA A 204 -11.38 -5.08 15.56
N SER A 205 -11.27 -5.44 14.28
CA SER A 205 -11.08 -4.43 13.24
C SER A 205 -12.29 -3.52 13.11
N ILE A 206 -13.50 -4.09 13.23
CA ILE A 206 -14.71 -3.27 13.20
C ILE A 206 -14.73 -2.30 14.38
N LEU A 207 -14.34 -2.78 15.56
CA LEU A 207 -14.31 -1.91 16.74
C LEU A 207 -13.30 -0.78 16.59
N ILE A 208 -12.09 -1.10 16.13
CA ILE A 208 -11.08 -0.05 15.95
C ILE A 208 -11.49 0.93 14.85
N SER A 209 -12.09 0.44 13.77
CA SER A 209 -12.57 1.32 12.72
C SER A 209 -13.67 2.24 13.23
N CYS A 210 -14.59 1.72 14.04
CA CYS A 210 -15.65 2.55 14.61
C CYS A 210 -15.10 3.59 15.56
N CYS A 211 -14.15 3.21 16.42
CA CYS A 211 -13.56 4.18 17.35
C CYS A 211 -12.76 5.25 16.61
N ALA A 212 -11.96 4.85 15.63
CA ALA A 212 -11.19 5.82 14.87
C ALA A 212 -12.10 6.74 14.08
N SER A 213 -13.19 6.21 13.52
CA SER A 213 -14.14 7.06 12.80
C SER A 213 -14.85 8.01 13.74
N ALA A 214 -15.19 7.55 14.95
CA ALA A 214 -15.80 8.43 15.93
C ALA A 214 -14.85 9.52 16.40
N MET A 215 -13.54 9.29 16.29
CA MET A 215 -12.60 10.37 16.57
C MET A 215 -12.42 11.28 15.36
N TYR A 216 -12.45 10.72 14.15
CA TYR A 216 -12.17 11.48 12.94
C TYR A 216 -13.32 12.41 12.57
N THR A 217 -14.56 11.96 12.79
CA THR A 217 -15.72 12.72 12.33
C THR A 217 -15.84 14.12 12.95
N PRO A 218 -15.71 14.32 14.29
CA PRO A 218 -15.82 15.69 14.79
C PRO A 218 -14.57 16.51 14.55
N ILE A 219 -13.43 15.83 14.39
CA ILE A 219 -12.16 16.53 14.25
C ILE A 219 -11.92 16.92 12.79
N GLU A 220 -12.03 15.96 11.88
CA GLU A 220 -11.78 16.22 10.47
C GLU A 220 -12.98 16.81 9.74
N GLY A 221 -14.18 16.63 10.26
CA GLY A 221 -15.38 17.03 9.55
C GLY A 221 -15.84 16.05 8.50
N TRP A 222 -15.20 14.90 8.38
CA TRP A 222 -15.61 13.88 7.43
C TRP A 222 -16.95 13.28 7.83
N SER A 223 -17.67 12.76 6.84
CA SER A 223 -18.82 11.92 7.13
C SER A 223 -18.34 10.63 7.80
N TYR A 224 -19.23 10.04 8.59
CA TYR A 224 -18.87 8.82 9.31
C TYR A 224 -18.57 7.68 8.35
N PHE A 225 -19.32 7.60 7.24
CA PHE A 225 -19.02 6.61 6.21
C PHE A 225 -17.69 6.92 5.53
N ASP A 226 -17.40 8.20 5.30
CA ASP A 226 -16.10 8.57 4.73
C ASP A 226 -14.97 8.18 5.68
N SER A 227 -15.19 8.35 6.99
CA SER A 227 -14.19 7.93 7.96
C SER A 227 -14.03 6.40 7.98
N LEU A 228 -15.13 5.66 7.83
CA LEU A 228 -15.04 4.21 7.72
C LEU A 228 -14.25 3.80 6.48
N TYR A 229 -14.50 4.48 5.36
CA TYR A 229 -13.78 4.17 4.13
C TYR A 229 -12.29 4.47 4.25
N PHE A 230 -11.96 5.61 4.87
CA PHE A 230 -10.56 5.94 5.12
C PHE A 230 -9.93 4.93 6.07
N CYS A 231 -10.68 4.49 7.08
CA CYS A 231 -10.15 3.50 8.00
C CYS A 231 -9.83 2.19 7.29
N PHE A 232 -10.73 1.73 6.42
CA PHE A 232 -10.43 0.51 5.67
C PHE A 232 -9.26 0.71 4.72
N VAL A 233 -9.19 1.88 4.06
CA VAL A 233 -8.14 2.13 3.08
C VAL A 233 -6.77 2.17 3.77
N ALA A 234 -6.67 2.86 4.91
CA ALA A 234 -5.41 2.93 5.62
C ALA A 234 -5.06 1.62 6.29
N PHE A 235 -6.05 0.93 6.86
CA PHE A 235 -5.78 -0.29 7.61
C PHE A 235 -5.42 -1.45 6.70
N SER A 236 -5.90 -1.44 5.46
CA SER A 236 -5.58 -2.49 4.51
C SER A 236 -4.27 -2.23 3.78
N THR A 237 -3.54 -1.19 4.17
CA THR A 237 -2.30 -0.75 3.51
C THR A 237 -2.54 -0.45 2.03
N ILE A 238 -3.74 0.01 1.70
CA ILE A 238 -4.03 0.44 0.34
C ILE A 238 -3.64 1.89 0.13
N GLY A 239 -4.07 2.78 1.03
CA GLY A 239 -3.61 4.15 1.09
C GLY A 239 -3.77 4.98 -0.16
N PHE A 240 -5.01 5.25 -0.57
CA PHE A 240 -5.23 6.05 -1.78
C PHE A 240 -4.71 7.47 -1.60
N GLY A 241 -4.91 8.06 -0.43
CA GLY A 241 -4.50 9.43 -0.18
C GLY A 241 -5.55 10.47 -0.49
N ASP A 242 -6.72 10.07 -1.01
CA ASP A 242 -7.82 11.00 -1.17
C ASP A 242 -8.29 11.55 0.18
N LEU A 243 -8.36 10.68 1.19
CA LEU A 243 -8.58 11.08 2.56
C LEU A 243 -7.36 10.66 3.37
N VAL A 244 -6.76 11.60 4.08
CA VAL A 244 -5.65 11.32 4.99
C VAL A 244 -5.94 12.05 6.30
N SER A 245 -5.69 11.37 7.42
CA SER A 245 -6.19 11.79 8.73
C SER A 245 -5.72 13.16 9.19
N SER A 246 -4.42 13.29 9.49
CA SER A 246 -3.93 14.43 10.28
C SER A 246 -3.21 15.47 9.44
N GLN A 247 -3.69 15.79 8.23
CA GLN A 247 -2.95 16.68 7.35
C GLN A 247 -3.19 18.16 7.61
N ASN A 248 -4.43 18.59 7.79
CA ASN A 248 -4.67 20.01 7.99
C ASN A 248 -4.16 20.48 9.36
N ALA A 249 -3.79 21.75 9.43
CA ALA A 249 -3.12 22.29 10.60
C ALA A 249 -4.14 22.88 11.57
N HIS A 250 -3.62 23.43 12.68
CA HIS A 250 -4.41 24.06 13.74
C HIS A 250 -5.43 23.07 14.32
N TYR A 251 -4.91 22.02 14.93
CA TYR A 251 -5.73 21.02 15.60
C TYR A 251 -5.97 21.41 17.05
N GLU A 252 -7.03 20.85 17.63
CA GLU A 252 -7.27 20.94 19.05
C GLU A 252 -6.64 19.72 19.72
N SER A 253 -5.76 19.97 20.69
CA SER A 253 -4.91 18.94 21.30
C SER A 253 -4.14 18.20 20.22
N GLN A 254 -3.30 18.96 19.50
CA GLN A 254 -2.60 18.43 18.33
C GLN A 254 -1.63 17.32 18.71
N GLY A 255 -0.92 17.48 19.83
CA GLY A 255 0.02 16.45 20.26
C GLY A 255 -0.69 15.16 20.64
N LEU A 256 -1.82 15.26 21.33
CA LEU A 256 -2.57 14.06 21.70
C LEU A 256 -3.27 13.46 20.50
N TYR A 257 -3.79 14.29 19.59
CA TYR A 257 -4.50 13.77 18.43
C TYR A 257 -3.55 13.04 17.49
N ARG A 258 -2.34 13.55 17.31
CA ARG A 258 -1.36 12.87 16.44
C ARG A 258 -1.01 11.50 17.00
N PHE A 259 -0.79 11.42 18.31
CA PHE A 259 -0.49 10.14 18.94
C PHE A 259 -1.67 9.19 18.84
N ALA A 260 -2.88 9.69 19.05
CA ALA A 260 -4.07 8.85 18.94
C ALA A 260 -4.26 8.34 17.51
N ASN A 261 -4.02 9.20 16.52
CA ASN A 261 -4.13 8.79 15.13
C ASN A 261 -3.08 7.74 14.79
N PHE A 262 -1.85 7.93 15.25
CA PHE A 262 -0.80 6.94 15.00
C PHE A 262 -1.13 5.60 15.65
N VAL A 263 -1.63 5.62 16.89
CA VAL A 263 -1.92 4.38 17.61
C VAL A 263 -3.10 3.66 16.98
N PHE A 264 -4.16 4.40 16.63
CA PHE A 264 -5.32 3.79 15.97
C PHE A 264 -4.94 3.23 14.61
N ILE A 265 -4.13 3.95 13.84
CA ILE A 265 -3.70 3.46 12.54
C ILE A 265 -2.84 2.21 12.71
N LEU A 266 -1.96 2.20 13.71
CA LEU A 266 -1.11 1.03 13.93
C LEU A 266 -1.94 -0.20 14.28
N MET A 267 -2.88 -0.06 15.23
CA MET A 267 -3.70 -1.21 15.60
C MET A 267 -4.59 -1.65 14.45
N GLY A 268 -5.16 -0.70 13.71
CA GLY A 268 -6.02 -1.06 12.61
C GLY A 268 -5.29 -1.76 11.48
N VAL A 269 -4.09 -1.27 11.14
CA VAL A 269 -3.29 -1.92 10.10
C VAL A 269 -2.89 -3.31 10.56
N CYS A 270 -2.48 -3.46 11.82
CA CYS A 270 -2.13 -4.77 12.36
C CYS A 270 -3.31 -5.73 12.27
N CYS A 271 -4.50 -5.29 12.71
CA CYS A 271 -5.67 -6.16 12.74
C CYS A 271 -6.14 -6.51 11.33
N ILE A 272 -6.14 -5.55 10.41
CA ILE A 272 -6.63 -5.82 9.06
C ILE A 272 -5.63 -6.66 8.29
N TYR A 273 -4.32 -6.44 8.47
CA TYR A 273 -3.34 -7.31 7.82
C TYR A 273 -3.40 -8.73 8.37
N SER A 274 -3.60 -8.87 9.69
CA SER A 274 -3.78 -10.20 10.27
C SER A 274 -5.05 -10.86 9.76
N LEU A 275 -6.12 -10.08 9.59
CA LEU A 275 -7.35 -10.60 9.01
C LEU A 275 -7.12 -11.02 7.56
N PHE A 276 -6.31 -10.27 6.82
CA PHE A 276 -5.96 -10.66 5.46
C PHE A 276 -5.20 -11.97 5.45
N ASN A 277 -4.27 -12.16 6.39
CA ASN A 277 -3.55 -13.42 6.47
C ASN A 277 -4.49 -14.58 6.81
N VAL A 278 -5.42 -14.36 7.74
CA VAL A 278 -6.36 -15.42 8.13
C VAL A 278 -7.29 -15.77 6.97
N ILE A 279 -7.83 -14.77 6.29
CA ILE A 279 -8.69 -15.02 5.14
C ILE A 279 -7.88 -15.63 4.00
N SER A 280 -6.59 -15.32 3.89
CA SER A 280 -5.75 -15.97 2.90
C SER A 280 -5.58 -17.44 3.21
N ILE A 281 -5.41 -17.79 4.48
CA ILE A 281 -5.36 -19.20 4.88
C ILE A 281 -6.68 -19.89 4.55
N LEU A 282 -7.80 -19.23 4.83
CA LEU A 282 -9.10 -19.82 4.54
C LEU A 282 -9.32 -19.98 3.04
N ILE A 283 -8.87 -19.02 2.24
CA ILE A 283 -8.99 -19.11 0.78
C ILE A 283 -8.08 -20.22 0.26
N LYS A 284 -6.91 -20.41 0.86
CA LYS A 284 -6.06 -21.54 0.50
C LYS A 284 -6.75 -22.87 0.79
N GLN A 285 -7.43 -22.97 1.95
CA GLN A 285 -8.19 -24.17 2.26
C GLN A 285 -9.33 -24.37 1.28
N SER A 286 -10.00 -23.29 0.88
CA SER A 286 -11.07 -23.38 -0.11
C SER A 286 -10.55 -23.84 -1.46
N LEU A 287 -9.39 -23.34 -1.87
CA LEU A 287 -8.78 -23.78 -3.12
C LEU A 287 -8.38 -25.24 -3.06
N ASN A 288 -7.88 -25.69 -1.91
CA ASN A 288 -7.57 -27.10 -1.73
C ASN A 288 -8.83 -27.96 -1.84
N TRP A 289 -9.93 -27.50 -1.24
CA TRP A 289 -11.20 -28.22 -1.34
C TRP A 289 -11.70 -28.27 -2.78
N ILE A 290 -11.57 -27.15 -3.51
CA ILE A 290 -12.00 -27.11 -4.91
C ILE A 290 -11.16 -28.05 -5.76
N LEU A 291 -9.84 -28.07 -5.52
CA LEU A 291 -8.97 -29.00 -6.24
C LEU A 291 -9.31 -30.45 -5.92
N ARG A 292 -9.63 -30.73 -4.65
CA ARG A 292 -10.02 -32.08 -4.28
C ARG A 292 -11.33 -32.49 -4.94
N LYS A 293 -12.26 -31.53 -5.13
CA LYS A 293 -13.50 -31.83 -5.82
C LYS A 293 -13.25 -32.21 -7.28
N MET A 294 -12.38 -31.47 -7.97
CA MET A 294 -12.09 -31.77 -9.36
C MET A 294 -11.17 -32.99 -9.50
N ASP A 295 -10.40 -33.31 -8.47
CA ASP A 295 -9.53 -34.48 -8.53
C ASP A 295 -10.36 -35.76 -8.56
N SER A 296 -11.45 -35.82 -7.79
CA SER A 296 -12.30 -37.01 -7.80
C SER A 296 -12.99 -37.20 -9.14
N GLY A 297 -13.46 -36.10 -9.75
CA GLY A 297 -14.14 -36.18 -11.03
C GLY A 297 -14.72 -34.85 -11.46
N LEU B 13 9.64 -12.90 31.26
CA LEU B 13 9.11 -12.53 29.95
C LEU B 13 9.23 -13.69 28.98
N ASN B 14 8.19 -13.90 28.16
CA ASN B 14 8.21 -14.96 27.18
C ASN B 14 9.19 -14.65 26.06
N GLU B 15 9.67 -15.71 25.41
CA GLU B 15 10.61 -15.53 24.30
C GLU B 15 9.95 -14.82 23.13
N ASP B 16 8.68 -15.16 22.84
CA ASP B 16 7.97 -14.48 21.76
C ASP B 16 7.58 -13.07 22.15
N ASN B 17 7.18 -12.86 23.41
CA ASN B 17 6.83 -11.52 23.87
C ASN B 17 8.04 -10.60 23.87
N ALA B 18 9.20 -11.11 24.30
CA ALA B 18 10.42 -10.30 24.28
C ALA B 18 10.80 -9.93 22.86
N ARG B 19 10.68 -10.88 21.92
CA ARG B 19 10.97 -10.59 20.51
C ARG B 19 10.00 -9.56 19.97
N PHE B 20 8.72 -9.66 20.32
CA PHE B 20 7.72 -8.69 19.87
C PHE B 20 8.03 -7.29 20.38
N LEU B 21 8.34 -7.17 21.68
CA LEU B 21 8.66 -5.87 22.25
C LEU B 21 9.96 -5.30 21.66
N LEU B 22 10.96 -6.15 21.46
CA LEU B 22 12.22 -5.69 20.89
C LEU B 22 12.03 -5.21 19.46
N LEU B 23 11.23 -5.94 18.66
CA LEU B 23 10.96 -5.51 17.29
C LEU B 23 10.16 -4.22 17.28
N ALA B 24 9.19 -4.07 18.18
CA ALA B 24 8.43 -2.83 18.25
C ALA B 24 9.33 -1.65 18.59
N ALA B 25 10.22 -1.82 19.57
CA ALA B 25 11.15 -0.75 19.93
C ALA B 25 12.11 -0.42 18.80
N LEU B 26 12.63 -1.45 18.13
CA LEU B 26 13.54 -1.23 17.00
C LEU B 26 12.83 -0.53 15.85
N ILE B 27 11.58 -0.89 15.60
CA ILE B 27 10.82 -0.24 14.53
C ILE B 27 10.52 1.21 14.89
N VAL B 28 10.20 1.48 16.16
CA VAL B 28 9.93 2.86 16.56
C VAL B 28 11.19 3.72 16.42
N LEU B 29 12.34 3.18 16.85
CA LEU B 29 13.60 3.90 16.68
C LEU B 29 13.92 4.09 15.20
N TYR B 30 13.61 3.08 14.38
CA TYR B 30 13.80 3.18 12.93
C TYR B 30 12.95 4.28 12.35
N LEU B 31 11.69 4.38 12.78
CA LEU B 31 10.81 5.44 12.29
C LEU B 31 11.31 6.82 12.70
N LEU B 32 11.80 6.94 13.94
CA LEU B 32 12.33 8.23 14.40
C LEU B 32 13.55 8.64 13.60
N GLY B 33 14.50 7.72 13.42
CA GLY B 33 15.69 8.05 12.64
C GLY B 33 15.38 8.36 11.19
N GLY B 34 14.48 7.58 10.58
CA GLY B 34 14.09 7.85 9.22
C GLY B 34 13.36 9.16 9.05
N ALA B 35 12.52 9.52 10.02
CA ALA B 35 11.86 10.82 10.00
C ALA B 35 12.89 11.95 10.08
N ALA B 36 13.88 11.82 10.96
CA ALA B 36 14.91 12.84 11.09
C ALA B 36 15.68 13.02 9.78
N VAL B 37 16.14 11.91 9.19
CA VAL B 37 16.97 12.02 7.99
C VAL B 37 16.13 12.45 6.79
N PHE B 38 14.86 12.01 6.71
CA PHE B 38 14.00 12.45 5.62
C PHE B 38 13.70 13.94 5.71
N SER B 39 13.47 14.44 6.93
CA SER B 39 13.29 15.87 7.13
C SER B 39 14.54 16.63 6.70
N ALA B 40 15.72 16.14 7.12
CA ALA B 40 16.97 16.81 6.78
C ALA B 40 17.21 16.81 5.27
N LEU B 41 16.79 15.75 4.58
CA LEU B 41 17.00 15.67 3.14
C LEU B 41 16.00 16.51 2.36
N GLU B 42 14.74 16.61 2.81
CA GLU B 42 13.68 17.14 1.96
C GLU B 42 13.10 18.47 2.41
N LEU B 43 13.43 18.97 3.60
CA LEU B 43 12.80 20.19 4.08
C LEU B 43 13.22 21.41 3.25
N ALA B 44 14.49 21.48 2.87
CA ALA B 44 14.96 22.59 2.05
C ALA B 44 14.28 22.59 0.67
N HIS B 45 14.16 21.41 0.06
CA HIS B 45 13.50 21.31 -1.24
C HIS B 45 12.03 21.68 -1.13
N GLU B 46 11.36 21.24 -0.06
CA GLU B 46 9.97 21.60 0.14
C GLU B 46 9.79 23.10 0.34
N ARG B 47 10.68 23.72 1.11
CA ARG B 47 10.60 25.17 1.32
C ARG B 47 10.82 25.92 0.02
N GLN B 48 11.80 25.48 -0.78
CA GLN B 48 12.05 26.12 -2.07
C GLN B 48 10.85 25.96 -3.01
N ALA B 49 10.24 24.79 -3.03
CA ALA B 49 9.08 24.58 -3.90
C ALA B 49 7.88 25.40 -3.44
N LYS B 50 7.67 25.51 -2.12
CA LYS B 50 6.59 26.34 -1.61
C LYS B 50 6.83 27.82 -1.93
N GLN B 51 8.08 28.28 -1.81
CA GLN B 51 8.39 29.66 -2.17
C GLN B 51 8.17 29.90 -3.65
N ARG B 52 8.55 28.93 -4.50
CA ARG B 52 8.31 29.06 -5.94
C ARG B 52 6.83 29.10 -6.25
N TRP B 53 6.02 28.28 -5.56
CA TRP B 53 4.59 28.31 -5.76
C TRP B 53 3.98 29.64 -5.33
N GLU B 54 4.44 30.18 -4.20
CA GLU B 54 3.94 31.47 -3.75
C GLU B 54 4.31 32.58 -4.72
N GLU B 55 5.53 32.54 -5.26
CA GLU B 55 5.94 33.53 -6.26
C GLU B 55 5.08 33.42 -7.52
N ARG B 56 4.81 32.18 -7.97
CA ARG B 56 3.99 32.00 -9.16
C ARG B 56 2.56 32.47 -8.93
N LEU B 57 2.00 32.20 -7.74
CA LEU B 57 0.65 32.65 -7.43
C LEU B 57 0.59 34.16 -7.33
N ALA B 58 1.61 34.80 -6.74
CA ALA B 58 1.65 36.26 -6.69
C ALA B 58 1.77 36.86 -8.08
N ASN B 59 2.57 36.24 -8.95
CA ASN B 59 2.68 36.71 -10.33
C ASN B 59 1.34 36.59 -11.06
N PHE B 60 0.64 35.48 -10.87
CA PHE B 60 -0.66 35.29 -11.51
C PHE B 60 -1.70 36.27 -10.97
N SER B 61 -1.62 36.58 -9.67
CA SER B 61 -2.57 37.53 -9.10
C SER B 61 -2.31 38.95 -9.58
N ARG B 62 -1.04 39.36 -9.62
CA ARG B 62 -0.70 40.73 -10.00
C ARG B 62 -0.69 40.94 -11.50
N GLY B 63 -0.68 39.87 -12.29
CA GLY B 63 -0.66 40.02 -13.73
C GLY B 63 -2.04 40.08 -14.35
N HIS B 64 -2.92 39.15 -13.97
CA HIS B 64 -4.25 39.05 -14.54
C HIS B 64 -5.30 39.77 -13.71
N ASN B 65 -4.91 40.47 -12.65
CA ASN B 65 -5.81 41.20 -11.77
C ASN B 65 -6.89 40.26 -11.19
N LEU B 66 -6.43 39.27 -10.44
CA LEU B 66 -7.28 38.26 -9.85
C LEU B 66 -7.15 38.31 -8.33
N SER B 67 -8.29 38.34 -7.65
CA SER B 67 -8.30 38.34 -6.19
C SER B 67 -7.80 37.01 -5.65
N ARG B 68 -7.23 37.07 -4.44
CA ARG B 68 -6.73 35.85 -3.80
C ARG B 68 -7.86 34.89 -3.46
N ASP B 69 -8.99 35.41 -3.03
CA ASP B 69 -10.13 34.55 -2.68
C ASP B 69 -10.70 33.87 -3.92
N GLU B 70 -10.77 34.59 -5.04
CA GLU B 70 -11.29 33.98 -6.28
C GLU B 70 -10.36 32.89 -6.78
N LEU B 71 -9.05 33.13 -6.73
CA LEU B 71 -8.09 32.08 -7.10
C LEU B 71 -8.15 30.91 -6.14
N ARG B 72 -8.38 31.16 -4.85
CA ARG B 72 -8.54 30.09 -3.88
C ARG B 72 -9.76 29.24 -4.20
N GLY B 73 -10.87 29.87 -4.56
CA GLY B 73 -12.05 29.12 -4.95
C GLY B 73 -11.84 28.32 -6.24
N PHE B 74 -11.15 28.91 -7.21
CA PHE B 74 -10.83 28.20 -8.44
C PHE B 74 -9.93 26.99 -8.17
N LEU B 75 -8.96 27.15 -7.26
CA LEU B 75 -8.10 26.04 -6.91
C LEU B 75 -8.84 24.97 -6.11
N ARG B 76 -9.83 25.37 -5.31
CA ARG B 76 -10.69 24.38 -4.65
C ARG B 76 -11.48 23.58 -5.68
N HIS B 77 -12.01 24.26 -6.71
CA HIS B 77 -12.71 23.57 -7.79
C HIS B 77 -11.76 22.63 -8.53
N TYR B 78 -10.52 23.08 -8.77
CA TYR B 78 -9.56 22.21 -9.45
C TYR B 78 -9.15 21.02 -8.59
N GLU B 79 -9.10 21.20 -7.26
CA GLU B 79 -8.83 20.08 -6.37
C GLU B 79 -9.97 19.07 -6.41
N GLU B 80 -11.21 19.56 -6.39
CA GLU B 80 -12.35 18.66 -6.52
C GLU B 80 -12.36 17.96 -7.87
N ALA B 81 -11.83 18.61 -8.91
CA ALA B 81 -11.72 17.97 -10.22
C ALA B 81 -10.62 16.91 -10.23
N THR B 82 -9.47 17.23 -9.65
CA THR B 82 -8.35 16.30 -9.63
C THR B 82 -8.68 15.07 -8.79
N ARG B 83 -9.49 15.25 -7.75
CA ARG B 83 -9.97 14.11 -6.97
C ARG B 83 -10.76 13.13 -7.83
N ALA B 84 -11.48 13.65 -8.84
CA ALA B 84 -12.21 12.80 -9.76
C ALA B 84 -11.30 12.14 -10.80
N GLY B 85 -10.26 12.84 -11.22
CA GLY B 85 -9.37 12.31 -12.24
C GLY B 85 -8.95 13.32 -13.28
N ILE B 86 -9.36 14.57 -13.09
CA ILE B 86 -8.94 15.66 -13.97
C ILE B 86 -7.46 15.95 -13.74
N ARG B 87 -6.68 15.91 -14.81
CA ARG B 87 -5.29 16.36 -14.77
C ARG B 87 -5.09 17.38 -15.88
N VAL B 88 -4.04 18.18 -15.72
CA VAL B 88 -3.81 19.28 -16.63
C VAL B 88 -3.35 18.81 -18.00
N ASP B 89 -2.80 17.60 -18.12
CA ASP B 89 -2.23 17.12 -19.38
C ASP B 89 -2.77 15.73 -19.73
N ASN B 90 -3.95 15.71 -20.34
CA ASN B 90 -4.49 14.63 -21.17
C ASN B 90 -4.22 13.22 -20.61
N VAL B 91 -4.76 12.97 -19.42
CA VAL B 91 -4.72 11.61 -18.87
C VAL B 91 -5.91 10.81 -19.38
N ARG B 92 -5.85 9.49 -19.18
CA ARG B 92 -6.89 8.60 -19.68
C ARG B 92 -8.21 8.87 -18.97
N PRO B 93 -9.33 8.55 -19.60
CA PRO B 93 -10.61 8.61 -18.89
C PRO B 93 -10.62 7.68 -17.69
N ARG B 94 -11.21 8.15 -16.60
CA ARG B 94 -11.29 7.36 -15.37
C ARG B 94 -12.56 6.53 -15.36
N TRP B 95 -12.51 5.43 -14.61
CA TRP B 95 -13.63 4.53 -14.37
C TRP B 95 -14.17 3.86 -15.62
N ASP B 96 -13.44 3.93 -16.74
CA ASP B 96 -13.72 3.02 -17.84
C ASP B 96 -13.17 1.65 -17.49
N PHE B 97 -13.56 0.63 -18.26
CA PHE B 97 -13.23 -0.74 -17.92
C PHE B 97 -11.72 -0.96 -17.88
N THR B 98 -10.99 -0.39 -18.84
CA THR B 98 -9.54 -0.48 -18.82
C THR B 98 -8.95 0.27 -17.63
N GLY B 99 -9.47 1.46 -17.34
CA GLY B 99 -9.03 2.19 -16.16
C GLY B 99 -9.47 1.53 -14.87
N ALA B 100 -10.69 0.99 -14.84
CA ALA B 100 -11.16 0.29 -13.65
C ALA B 100 -10.36 -0.99 -13.41
N PHE B 101 -9.87 -1.63 -14.47
CA PHE B 101 -8.99 -2.79 -14.27
C PHE B 101 -7.70 -2.39 -13.59
N TYR B 102 -7.12 -1.26 -14.00
CA TYR B 102 -5.91 -0.77 -13.34
C TYR B 102 -6.18 -0.39 -11.89
N PHE B 103 -7.33 0.25 -11.63
CA PHE B 103 -7.68 0.62 -10.26
C PHE B 103 -7.88 -0.61 -9.39
N VAL B 104 -8.56 -1.62 -9.91
CA VAL B 104 -8.81 -2.85 -9.15
C VAL B 104 -7.50 -3.60 -8.92
N GLY B 105 -6.59 -3.57 -9.90
CA GLY B 105 -5.28 -4.15 -9.71
C GLY B 105 -4.49 -3.46 -8.61
N THR B 106 -4.59 -2.12 -8.55
CA THR B 106 -3.95 -1.40 -7.46
C THR B 106 -4.66 -1.64 -6.12
N VAL B 107 -5.95 -1.98 -6.14
CA VAL B 107 -6.67 -2.26 -4.90
C VAL B 107 -6.26 -3.60 -4.34
N VAL B 108 -6.37 -4.67 -5.14
CA VAL B 108 -6.16 -6.02 -4.61
C VAL B 108 -4.69 -6.24 -4.25
N SER B 109 -3.76 -5.62 -4.95
CA SER B 109 -2.34 -5.75 -4.65
C SER B 109 -1.89 -4.82 -3.54
N THR B 110 -2.83 -4.09 -2.91
CA THR B 110 -2.56 -3.11 -1.86
C THR B 110 -1.54 -2.05 -2.31
N ILE B 111 -1.52 -1.73 -3.59
CA ILE B 111 -0.65 -0.66 -4.07
C ILE B 111 -1.37 0.66 -3.85
N GLY B 112 -2.53 0.82 -4.49
CA GLY B 112 -3.37 1.99 -4.28
C GLY B 112 -2.70 3.31 -4.58
N PHE B 113 -2.36 3.55 -5.85
CA PHE B 113 -1.73 4.81 -6.23
C PHE B 113 -2.64 6.00 -5.94
N GLY B 114 -3.94 5.83 -6.13
CA GLY B 114 -4.88 6.91 -5.97
C GLY B 114 -5.15 7.71 -7.22
N MET B 115 -4.79 7.18 -8.41
CA MET B 115 -5.12 7.89 -9.64
C MET B 115 -6.63 7.88 -9.85
N THR B 116 -7.31 6.90 -9.29
CA THR B 116 -8.73 6.65 -9.49
C THR B 116 -9.32 6.32 -8.13
N THR B 117 -10.06 7.26 -7.55
CA THR B 117 -10.60 7.01 -6.22
C THR B 117 -12.12 7.08 -6.24
N PRO B 118 -12.80 6.15 -5.57
CA PRO B 118 -14.26 6.18 -5.54
C PRO B 118 -14.80 7.38 -4.79
N ALA B 119 -15.86 7.97 -5.34
CA ALA B 119 -16.59 9.04 -4.68
C ALA B 119 -18.04 8.68 -4.39
N THR B 120 -18.59 7.68 -5.05
CA THR B 120 -19.96 7.22 -4.79
C THR B 120 -19.99 6.42 -3.49
N VAL B 121 -21.08 6.59 -2.74
CA VAL B 121 -21.26 5.85 -1.49
C VAL B 121 -21.26 4.35 -1.75
N GLY B 122 -21.98 3.92 -2.80
CA GLY B 122 -21.96 2.51 -3.17
C GLY B 122 -20.60 2.05 -3.65
N GLY B 123 -19.86 2.93 -4.33
CA GLY B 123 -18.54 2.56 -4.81
C GLY B 123 -17.57 2.24 -3.70
N LYS B 124 -17.59 3.02 -2.62
CA LYS B 124 -16.70 2.77 -1.49
C LYS B 124 -17.12 1.58 -0.66
N ILE B 125 -18.44 1.34 -0.53
CA ILE B 125 -18.93 0.13 0.12
C ILE B 125 -18.46 -1.11 -0.64
N PHE B 126 -18.61 -1.07 -1.97
CA PHE B 126 -18.11 -2.17 -2.78
C PHE B 126 -16.60 -2.27 -2.72
N LEU B 127 -15.90 -1.15 -2.57
CA LEU B 127 -14.45 -1.23 -2.41
C LEU B 127 -14.08 -1.97 -1.13
N ILE B 128 -14.77 -1.68 -0.02
CA ILE B 128 -14.46 -2.38 1.23
C ILE B 128 -14.74 -3.87 1.09
N PHE B 129 -15.94 -4.22 0.63
CA PHE B 129 -16.34 -5.62 0.58
C PHE B 129 -15.53 -6.39 -0.47
N TYR B 130 -15.21 -5.75 -1.59
CA TYR B 130 -14.41 -6.37 -2.63
C TYR B 130 -12.96 -6.50 -2.22
N GLY B 131 -12.40 -5.44 -1.63
CA GLY B 131 -10.99 -5.40 -1.33
C GLY B 131 -10.59 -6.29 -0.18
N LEU B 132 -11.52 -6.58 0.74
CA LEU B 132 -11.22 -7.60 1.75
C LEU B 132 -10.79 -8.91 1.09
N VAL B 133 -11.69 -9.49 0.28
CA VAL B 133 -11.41 -10.75 -0.40
C VAL B 133 -10.27 -10.60 -1.39
N GLY B 134 -10.22 -9.47 -2.11
CA GLY B 134 -9.19 -9.28 -3.11
C GLY B 134 -7.79 -9.21 -2.53
N CYS B 135 -7.62 -8.42 -1.46
CA CYS B 135 -6.31 -8.29 -0.84
C CYS B 135 -5.91 -9.59 -0.14
N SER B 136 -6.87 -10.29 0.48
CA SER B 136 -6.51 -11.58 1.08
C SER B 136 -6.09 -12.59 0.02
N SER B 137 -6.82 -12.65 -1.10
CA SER B 137 -6.47 -13.57 -2.17
C SER B 137 -5.13 -13.21 -2.79
N THR B 138 -4.83 -11.91 -2.89
CA THR B 138 -3.58 -11.51 -3.52
C THR B 138 -2.38 -11.70 -2.58
N ILE B 139 -2.56 -11.52 -1.28
CA ILE B 139 -1.51 -11.89 -0.33
C ILE B 139 -1.27 -13.39 -0.35
N LEU B 140 -2.34 -14.17 -0.44
CA LEU B 140 -2.18 -15.62 -0.62
C LEU B 140 -1.45 -15.94 -1.91
N PHE B 141 -1.73 -15.18 -2.98
CA PHE B 141 -1.04 -15.38 -4.25
C PHE B 141 0.45 -15.08 -4.11
N PHE B 142 0.79 -14.03 -3.36
CA PHE B 142 2.20 -13.72 -3.14
C PHE B 142 2.89 -14.82 -2.34
N ASN B 143 2.22 -15.35 -1.31
CA ASN B 143 2.78 -16.45 -0.53
C ASN B 143 2.97 -17.69 -1.40
N LEU B 144 1.99 -18.00 -2.23
CA LEU B 144 2.09 -19.14 -3.14
C LEU B 144 3.20 -18.93 -4.16
N PHE B 145 3.37 -17.71 -4.65
CA PHE B 145 4.46 -17.41 -5.57
C PHE B 145 5.81 -17.60 -4.90
N LEU B 146 5.93 -17.18 -3.64
CA LEU B 146 7.18 -17.41 -2.91
C LEU B 146 7.45 -18.89 -2.73
N GLU B 147 6.43 -19.67 -2.36
CA GLU B 147 6.61 -21.11 -2.20
C GLU B 147 6.98 -21.78 -3.52
N ARG B 148 6.35 -21.36 -4.62
CA ARG B 148 6.69 -21.90 -5.93
C ARG B 148 8.08 -21.48 -6.37
N LEU B 149 8.53 -20.29 -5.97
CA LEU B 149 9.91 -19.89 -6.24
C LEU B 149 10.89 -20.76 -5.47
N ILE B 150 10.57 -21.10 -4.22
CA ILE B 150 11.39 -22.02 -3.44
C ILE B 150 11.47 -23.37 -4.15
N THR B 151 10.32 -23.88 -4.59
CA THR B 151 10.28 -25.17 -5.28
C THR B 151 11.07 -25.14 -6.58
N ILE B 152 10.95 -24.04 -7.34
CA ILE B 152 11.65 -23.92 -8.61
C ILE B 152 13.16 -23.85 -8.38
N ILE B 153 13.60 -23.09 -7.39
CA ILE B 153 15.04 -23.00 -7.10
C ILE B 153 15.57 -24.36 -6.64
N ALA B 154 14.83 -25.05 -5.77
CA ALA B 154 15.26 -26.37 -5.32
C ALA B 154 15.32 -27.37 -6.47
N TYR B 155 14.36 -27.29 -7.39
CA TYR B 155 14.38 -28.14 -8.58
C TYR B 155 15.57 -27.81 -9.47
N ILE B 156 15.94 -26.54 -9.56
CA ILE B 156 17.09 -26.14 -10.36
C ILE B 156 18.38 -26.72 -9.77
N MET B 157 18.54 -26.61 -8.44
CA MET B 157 19.72 -27.20 -7.81
C MET B 157 19.74 -28.72 -7.94
N LYS B 158 18.57 -29.37 -7.83
CA LYS B 158 18.51 -30.81 -8.01
C LYS B 158 18.88 -31.22 -9.43
N SER B 159 18.39 -30.47 -10.42
CA SER B 159 18.74 -30.76 -11.81
C SER B 159 20.22 -30.54 -12.07
N CYS B 160 20.80 -29.49 -11.48
CA CYS B 160 22.23 -29.25 -11.63
C CYS B 160 23.05 -30.36 -10.99
N HIS B 161 22.62 -30.84 -9.82
CA HIS B 161 23.30 -31.96 -9.17
C HIS B 161 23.21 -33.23 -10.01
N GLN B 162 22.04 -33.50 -10.58
CA GLN B 162 21.88 -34.67 -11.43
C GLN B 162 22.74 -34.56 -12.70
N ARG B 163 22.82 -33.35 -13.27
CA ARG B 163 23.64 -33.15 -14.47
C ARG B 163 25.11 -33.31 -14.17
N GLN B 164 25.58 -32.80 -13.03
CA GLN B 164 26.99 -32.95 -12.70
C GLN B 164 27.33 -34.37 -12.27
N LEU B 165 26.35 -35.11 -11.73
CA LEU B 165 26.59 -36.51 -11.40
C LEU B 165 26.63 -37.36 -12.67
N ARG B 166 25.76 -37.07 -13.64
CA ARG B 166 25.77 -37.81 -14.89
C ARG B 166 27.05 -37.53 -15.68
N ARG B 167 27.51 -36.28 -15.69
CA ARG B 167 28.74 -35.95 -16.39
C ARG B 167 29.95 -36.60 -15.72
N ARG B 168 29.98 -36.60 -14.39
CA ARG B 168 31.08 -37.24 -13.67
C ARG B 168 31.07 -38.75 -13.86
N GLY B 169 29.88 -39.35 -13.86
CA GLY B 169 29.79 -40.79 -14.06
C GLY B 169 30.21 -41.22 -15.45
N ALA B 170 29.80 -40.46 -16.47
CA ALA B 170 30.11 -40.73 -17.87
C ALA B 170 29.69 -42.13 -18.31
N SER B 186 7.71 -36.37 -4.66
CA SER B 186 7.89 -34.96 -4.40
C SER B 186 9.36 -34.63 -4.17
N LEU B 187 10.03 -35.44 -3.35
CA LEU B 187 11.44 -35.19 -3.07
C LEU B 187 11.68 -33.74 -2.73
N ALA B 188 12.72 -33.16 -3.32
CA ALA B 188 13.04 -31.75 -3.08
C ALA B 188 13.08 -31.41 -1.59
N GLY B 189 13.28 -32.41 -0.74
CA GLY B 189 13.38 -32.15 0.68
C GLY B 189 14.42 -31.07 0.86
N TRP B 190 15.55 -31.21 0.17
CA TRP B 190 16.58 -30.19 0.24
C TRP B 190 16.08 -28.86 -0.31
N LYS B 191 15.92 -27.88 0.57
CA LYS B 191 15.48 -26.57 0.12
C LYS B 191 16.63 -25.58 0.22
N PRO B 192 16.66 -24.55 -0.63
CA PRO B 192 17.73 -23.56 -0.54
C PRO B 192 17.66 -22.76 0.75
N SER B 193 18.83 -22.32 1.21
CA SER B 193 18.91 -21.51 2.42
C SER B 193 18.28 -20.13 2.17
N VAL B 194 17.93 -19.47 3.27
CA VAL B 194 17.26 -18.18 3.18
C VAL B 194 18.19 -17.13 2.58
N TYR B 195 19.50 -17.27 2.79
CA TYR B 195 20.46 -16.36 2.16
C TYR B 195 20.42 -16.49 0.63
N TYR B 196 20.37 -17.72 0.13
CA TYR B 196 20.33 -17.93 -1.32
C TYR B 196 19.03 -17.40 -1.91
N VAL B 197 17.91 -17.60 -1.21
CA VAL B 197 16.64 -17.08 -1.67
C VAL B 197 16.64 -15.55 -1.66
N MET B 198 17.26 -14.96 -0.64
CA MET B 198 17.40 -13.50 -0.57
C MET B 198 18.18 -12.98 -1.76
N LEU B 199 19.31 -13.63 -2.07
CA LEU B 199 20.12 -13.20 -3.21
C LEU B 199 19.38 -13.37 -4.54
N ILE B 200 18.69 -14.51 -4.72
CA ILE B 200 17.94 -14.73 -5.95
C ILE B 200 16.82 -13.71 -6.10
N LEU B 201 16.10 -13.45 -5.00
CA LEU B 201 14.98 -12.52 -5.07
C LEU B 201 15.43 -11.09 -5.31
N CYS B 202 16.54 -10.66 -4.68
CA CYS B 202 16.99 -9.30 -4.92
C CYS B 202 17.57 -9.14 -6.32
N THR B 203 18.25 -10.18 -6.84
CA THR B 203 18.73 -10.13 -8.21
C THR B 203 17.58 -10.07 -9.20
N ALA B 204 16.55 -10.90 -9.00
CA ALA B 204 15.38 -10.88 -9.88
C ALA B 204 14.64 -9.56 -9.77
N SER B 205 14.56 -9.00 -8.57
CA SER B 205 13.91 -7.71 -8.38
C SER B 205 14.65 -6.59 -9.10
N ILE B 206 15.99 -6.59 -9.01
CA ILE B 206 16.79 -5.60 -9.71
C ILE B 206 16.61 -5.73 -11.22
N LEU B 207 16.62 -6.97 -11.72
CA LEU B 207 16.43 -7.19 -13.16
C LEU B 207 15.05 -6.74 -13.62
N ILE B 208 14.00 -7.06 -12.86
CA ILE B 208 12.65 -6.69 -13.23
C ILE B 208 12.47 -5.18 -13.18
N SER B 209 13.01 -4.53 -12.15
CA SER B 209 12.94 -3.08 -12.05
C SER B 209 13.68 -2.41 -13.21
N CYS B 210 14.85 -2.94 -13.58
CA CYS B 210 15.59 -2.39 -14.70
C CYS B 210 14.85 -2.55 -16.02
N CYS B 211 14.24 -3.72 -16.25
CA CYS B 211 13.48 -3.92 -17.48
C CYS B 211 12.25 -3.02 -17.52
N ALA B 212 11.52 -2.92 -16.41
CA ALA B 212 10.34 -2.06 -16.37
C ALA B 212 10.71 -0.60 -16.54
N SER B 213 11.84 -0.17 -15.96
CA SER B 213 12.28 1.21 -16.13
C SER B 213 12.73 1.48 -17.56
N ALA B 214 13.37 0.50 -18.19
CA ALA B 214 13.72 0.64 -19.60
C ALA B 214 12.49 0.72 -20.48
N MET B 215 11.38 0.10 -20.04
CA MET B 215 10.13 0.29 -20.75
C MET B 215 9.52 1.66 -20.48
N TYR B 216 9.55 2.12 -19.23
CA TYR B 216 8.86 3.34 -18.84
C TYR B 216 9.58 4.61 -19.32
N THR B 217 10.90 4.57 -19.45
CA THR B 217 11.65 5.79 -19.76
C THR B 217 11.30 6.39 -21.13
N PRO B 218 11.25 5.63 -22.26
CA PRO B 218 10.88 6.29 -23.52
C PRO B 218 9.39 6.52 -23.63
N ILE B 219 8.59 5.62 -23.03
CA ILE B 219 7.14 5.70 -23.16
C ILE B 219 6.59 6.89 -22.39
N GLU B 220 7.06 7.08 -21.16
CA GLU B 220 6.53 8.14 -20.30
C GLU B 220 7.36 9.41 -20.30
N GLY B 221 8.63 9.34 -20.66
CA GLY B 221 9.51 10.48 -20.55
C GLY B 221 10.13 10.68 -19.19
N TRP B 222 9.91 9.76 -18.25
CA TRP B 222 10.53 9.84 -16.95
C TRP B 222 12.03 9.62 -17.06
N SER B 223 12.76 10.16 -16.08
CA SER B 223 14.15 9.80 -15.92
C SER B 223 14.27 8.34 -15.53
N TYR B 224 15.40 7.73 -15.87
CA TYR B 224 15.60 6.32 -15.53
C TYR B 224 15.62 6.13 -14.02
N PHE B 225 16.20 7.08 -13.29
CA PHE B 225 16.15 7.02 -11.84
C PHE B 225 14.73 7.20 -11.32
N ASP B 226 13.96 8.10 -11.94
CA ASP B 226 12.56 8.26 -11.54
C ASP B 226 11.76 7.00 -11.84
N SER B 227 12.06 6.34 -12.96
CA SER B 227 11.40 5.07 -13.27
C SER B 227 11.79 3.98 -12.28
N LEU B 228 13.06 3.95 -11.86
CA LEU B 228 13.48 3.01 -10.81
C LEU B 228 12.75 3.28 -9.50
N TYR B 229 12.61 4.55 -9.14
CA TYR B 229 11.90 4.90 -7.91
C TYR B 229 10.43 4.51 -7.99
N PHE B 230 9.80 4.75 -9.14
CA PHE B 230 8.41 4.31 -9.33
C PHE B 230 8.31 2.80 -9.29
N CYS B 231 9.31 2.10 -9.83
CA CYS B 231 9.30 0.65 -9.79
C CYS B 231 9.37 0.15 -8.35
N PHE B 232 10.22 0.76 -7.52
CA PHE B 232 10.27 0.36 -6.12
C PHE B 232 8.96 0.67 -5.42
N VAL B 233 8.39 1.85 -5.66
CA VAL B 233 7.16 2.24 -4.96
C VAL B 233 6.00 1.35 -5.36
N ALA B 234 5.85 1.06 -6.65
CA ALA B 234 4.79 0.18 -7.11
C ALA B 234 5.00 -1.26 -6.64
N PHE B 235 6.23 -1.75 -6.74
CA PHE B 235 6.50 -3.15 -6.47
C PHE B 235 6.48 -3.46 -4.97
N SER B 236 6.84 -2.49 -4.14
CA SER B 236 6.76 -2.67 -2.69
C SER B 236 5.36 -2.44 -2.15
N THR B 237 4.37 -2.27 -3.03
CA THR B 237 2.97 -1.99 -2.65
C THR B 237 2.86 -0.75 -1.78
N ILE B 238 3.78 0.20 -1.94
CA ILE B 238 3.68 1.46 -1.22
C ILE B 238 2.73 2.40 -1.94
N GLY B 239 2.91 2.55 -3.26
CA GLY B 239 1.95 3.23 -4.11
C GLY B 239 1.64 4.67 -3.79
N PHE B 240 2.65 5.55 -3.88
CA PHE B 240 2.42 6.96 -3.56
C PHE B 240 1.44 7.59 -4.54
N GLY B 241 1.55 7.27 -5.82
CA GLY B 241 0.72 7.88 -6.83
C GLY B 241 1.27 9.15 -7.43
N ASP B 242 2.43 9.62 -6.95
CA ASP B 242 3.09 10.74 -7.61
C ASP B 242 3.50 10.37 -9.04
N LEU B 243 4.03 9.17 -9.22
CA LEU B 243 4.29 8.61 -10.53
C LEU B 243 3.37 7.39 -10.70
N VAL B 244 2.57 7.41 -11.76
CA VAL B 244 1.75 6.26 -12.15
C VAL B 244 2.01 6.01 -13.63
N SER B 245 2.05 4.74 -14.02
CA SER B 245 2.59 4.37 -15.32
C SER B 245 1.70 4.74 -16.50
N SER B 246 0.51 4.13 -16.60
CA SER B 246 -0.27 4.19 -17.83
C SER B 246 -1.42 5.20 -17.74
N GLN B 247 -1.20 6.34 -17.09
CA GLN B 247 -2.29 7.30 -16.89
C GLN B 247 -2.51 8.22 -18.08
N ASN B 248 -1.46 8.84 -18.61
CA ASN B 248 -1.66 9.74 -19.74
C ASN B 248 -2.06 8.97 -20.99
N ALA B 249 -2.96 9.58 -21.76
CA ALA B 249 -3.63 8.88 -22.86
C ALA B 249 -2.81 8.95 -24.14
N HIS B 250 -3.36 8.33 -25.19
CA HIS B 250 -2.78 8.32 -26.54
C HIS B 250 -1.36 7.73 -26.54
N TYR B 251 -1.28 6.48 -26.13
CA TYR B 251 -0.03 5.73 -26.26
C TYR B 251 0.10 5.16 -27.67
N GLU B 252 1.30 4.69 -27.98
CA GLU B 252 1.53 3.92 -29.19
C GLU B 252 1.43 2.44 -28.83
N SER B 253 0.50 1.73 -29.49
CA SER B 253 0.17 0.34 -29.20
C SER B 253 -0.27 0.20 -27.74
N GLN B 254 -1.42 0.81 -27.45
CA GLN B 254 -1.93 0.86 -26.09
C GLN B 254 -2.19 -0.53 -25.52
N GLY B 255 -2.76 -1.42 -26.33
CA GLY B 255 -3.06 -2.77 -25.85
C GLY B 255 -1.83 -3.54 -25.45
N LEU B 256 -0.73 -3.36 -26.19
CA LEU B 256 0.52 -4.02 -25.84
C LEU B 256 1.16 -3.37 -24.62
N TYR B 257 1.15 -2.04 -24.56
CA TYR B 257 1.83 -1.35 -23.45
C TYR B 257 1.10 -1.57 -22.14
N ARG B 258 -0.24 -1.51 -22.14
CA ARG B 258 -0.98 -1.73 -20.91
C ARG B 258 -0.80 -3.14 -20.39
N PHE B 259 -0.81 -4.14 -21.28
CA PHE B 259 -0.58 -5.52 -20.88
C PHE B 259 0.84 -5.71 -20.35
N ALA B 260 1.83 -5.14 -21.03
CA ALA B 260 3.21 -5.26 -20.57
C ALA B 260 3.41 -4.58 -19.23
N ASN B 261 2.78 -3.43 -19.03
CA ASN B 261 2.84 -2.75 -17.75
C ASN B 261 2.20 -3.57 -16.65
N PHE B 262 1.05 -4.20 -16.94
CA PHE B 262 0.41 -5.06 -15.95
C PHE B 262 1.27 -6.26 -15.60
N VAL B 263 1.90 -6.87 -16.59
CA VAL B 263 2.73 -8.05 -16.34
C VAL B 263 3.97 -7.67 -15.54
N PHE B 264 4.64 -6.58 -15.91
CA PHE B 264 5.81 -6.13 -15.15
C PHE B 264 5.44 -5.72 -13.74
N ILE B 265 4.31 -5.03 -13.56
CA ILE B 265 3.88 -4.65 -12.22
C ILE B 265 3.56 -5.89 -11.38
N LEU B 266 2.89 -6.88 -11.97
CA LEU B 266 2.55 -8.09 -11.23
C LEU B 266 3.81 -8.83 -10.79
N MET B 267 4.74 -9.06 -11.72
CA MET B 267 5.96 -9.79 -11.37
C MET B 267 6.83 -9.00 -10.39
N GLY B 268 6.93 -7.69 -10.56
CA GLY B 268 7.72 -6.89 -9.63
C GLY B 268 7.13 -6.85 -8.25
N VAL B 269 5.79 -6.72 -8.15
CA VAL B 269 5.14 -6.73 -6.85
C VAL B 269 5.32 -8.08 -6.17
N CYS B 270 5.18 -9.16 -6.93
CA CYS B 270 5.40 -10.50 -6.37
C CYS B 270 6.83 -10.65 -5.87
N CYS B 271 7.81 -10.19 -6.66
CA CYS B 271 9.21 -10.34 -6.28
C CYS B 271 9.55 -9.51 -5.05
N ILE B 272 9.11 -8.26 -5.00
CA ILE B 272 9.42 -7.42 -3.85
C ILE B 272 8.66 -7.86 -2.60
N TYR B 273 7.42 -8.33 -2.75
CA TYR B 273 6.70 -8.80 -1.57
C TYR B 273 7.32 -10.08 -1.02
N SER B 274 7.73 -10.99 -1.91
CA SER B 274 8.45 -12.18 -1.47
C SER B 274 9.80 -11.81 -0.86
N LEU B 275 10.45 -10.78 -1.40
CA LEU B 275 11.70 -10.30 -0.84
C LEU B 275 11.48 -9.73 0.56
N PHE B 276 10.37 -9.02 0.76
CA PHE B 276 10.03 -8.52 2.08
C PHE B 276 9.77 -9.67 3.05
N ASN B 277 9.12 -10.73 2.59
CA ASN B 277 8.93 -11.91 3.42
C ASN B 277 10.27 -12.56 3.80
N VAL B 278 11.18 -12.68 2.83
CA VAL B 278 12.47 -13.30 3.10
C VAL B 278 13.31 -12.46 4.05
N ILE B 279 13.34 -11.14 3.83
CA ILE B 279 14.07 -10.26 4.76
C ILE B 279 13.37 -10.22 6.11
N SER B 280 12.06 -10.42 6.16
CA SER B 280 11.38 -10.55 7.45
C SER B 280 11.84 -11.79 8.19
N ILE B 281 12.01 -12.90 7.48
CA ILE B 281 12.58 -14.11 8.08
C ILE B 281 14.00 -13.84 8.58
N LEU B 282 14.80 -13.12 7.78
CA LEU B 282 16.16 -12.78 8.18
C LEU B 282 16.18 -11.92 9.44
N ILE B 283 15.29 -10.92 9.51
CA ILE B 283 15.24 -10.04 10.66
C ILE B 283 14.73 -10.80 11.88
N LYS B 284 13.82 -11.77 11.69
CA LYS B 284 13.41 -12.63 12.80
C LYS B 284 14.59 -13.44 13.32
N GLN B 285 15.41 -13.96 12.43
CA GLN B 285 16.62 -14.67 12.85
C GLN B 285 17.58 -13.76 13.59
N SER B 286 17.73 -12.52 13.11
CA SER B 286 18.60 -11.56 13.79
C SER B 286 18.07 -11.20 15.16
N LEU B 287 16.75 -11.04 15.29
CA LEU B 287 16.15 -10.76 16.60
C LEU B 287 16.33 -11.93 17.56
N ASN B 288 16.21 -13.16 17.04
CA ASN B 288 16.47 -14.35 17.86
C ASN B 288 17.93 -14.37 18.33
N TRP B 289 18.85 -14.02 17.43
CA TRP B 289 20.26 -13.95 17.81
C TRP B 289 20.51 -12.88 18.87
N ILE B 290 19.86 -11.72 18.74
CA ILE B 290 20.01 -10.65 19.71
C ILE B 290 19.46 -11.07 21.07
N LEU B 291 18.30 -11.74 21.08
CA LEU B 291 17.73 -12.23 22.33
C LEU B 291 18.61 -13.29 22.96
N ARG B 292 19.22 -14.16 22.14
CA ARG B 292 20.16 -15.14 22.67
C ARG B 292 21.39 -14.46 23.25
N LYS B 293 21.82 -13.35 22.64
CA LYS B 293 22.93 -12.58 23.19
C LYS B 293 22.58 -12.00 24.56
N MET B 294 21.36 -11.47 24.71
CA MET B 294 20.94 -10.94 25.99
C MET B 294 20.67 -12.06 27.00
N ASP B 295 20.18 -13.21 26.55
CA ASP B 295 19.95 -14.32 27.46
C ASP B 295 21.25 -14.88 28.00
N SER B 296 22.29 -14.95 27.16
CA SER B 296 23.59 -15.42 27.62
C SER B 296 24.21 -14.47 28.63
N GLY B 297 24.10 -13.17 28.39
CA GLY B 297 24.66 -12.18 29.30
C GLY B 297 25.14 -10.93 28.59
C1 NAG C . -21.23 27.85 -14.84
C2 NAG C . -22.10 27.70 -13.59
C3 NAG C . -23.57 27.69 -13.96
C4 NAG C . -23.95 29.03 -14.55
C5 NAG C . -23.08 29.35 -15.77
C6 NAG C . -22.36 30.68 -15.67
C7 NAG C . -20.90 26.49 -11.82
C8 NAG C . -20.66 25.16 -11.19
N2 NAG C . -21.75 26.49 -12.85
O3 NAG C . -24.35 27.42 -12.80
O4 NAG C . -25.32 29.03 -14.94
O5 NAG C . -22.08 28.33 -15.98
O6 NAG C . -23.09 31.60 -14.87
O7 NAG C . -20.36 27.52 -11.42
C1 NAG D . -9.04 40.10 -22.67
C2 NAG D . -9.67 41.32 -23.33
C3 NAG D . -8.99 41.60 -24.68
C4 NAG D . -7.48 41.71 -24.50
C5 NAG D . -6.94 40.47 -23.78
C6 NAG D . -5.47 40.57 -23.45
C7 NAG D . -12.03 41.85 -22.85
C8 NAG D . -11.51 42.85 -21.87
N2 NAG D . -11.10 41.15 -23.52
O3 NAG D . -9.50 42.80 -25.23
O4 NAG D . -6.84 41.84 -25.75
O5 NAG D . -7.62 40.29 -22.53
O6 NAG D . -5.17 41.79 -22.78
O7 NAG D . -13.23 41.67 -23.03
K K E . -0.95 4.46 -1.79
K K F . -0.10 1.36 -0.53
C1 NAG G . 7.53 35.79 -10.64
C2 NAG G . 8.18 36.52 -11.82
C3 NAG G . 9.66 36.76 -11.53
C4 NAG G . 9.83 37.49 -10.21
C5 NAG G . 9.12 36.72 -9.10
C6 NAG G . 9.16 37.45 -7.76
C7 NAG G . 7.31 36.20 -14.10
C8 NAG G . 7.25 35.29 -15.29
N2 NAG G . 8.01 35.76 -13.05
O3 NAG G . 10.21 37.54 -12.59
O4 NAG G . 11.22 37.60 -9.89
O5 NAG G . 7.74 36.54 -9.43
O6 NAG G . 9.04 38.85 -7.94
O7 NAG G . 6.76 37.30 -14.09
C1 NAG H . -9.10 45.06 -11.58
C2 NAG H . -9.33 45.18 -10.06
C3 NAG H . -10.45 46.19 -9.76
C4 NAG H . -10.16 47.52 -10.44
C5 NAG H . -9.90 47.31 -11.93
C6 NAG H . -9.50 48.58 -12.64
C7 NAG H . -10.66 43.10 -9.73
C8 NAG H . -10.73 41.81 -8.96
N2 NAG H . -9.61 43.89 -9.43
O3 NAG H . -10.56 46.37 -8.36
O4 NAG H . -11.27 48.40 -10.28
O5 NAG H . -8.82 46.37 -12.11
O6 NAG H . -10.63 49.30 -13.09
O7 NAG H . -11.50 43.39 -10.58
K K I . 0.50 -2.13 0.78
K K J . -1.40 6.91 -2.92
K K K . 1.17 -5.51 2.13
#